data_2HUA
#
_entry.id   2HUA
#
_cell.length_a   1.000
_cell.length_b   1.000
_cell.length_c   1.000
_cell.angle_alpha   90.00
_cell.angle_beta   90.00
_cell.angle_gamma   90.00
#
_symmetry.space_group_name_H-M   'P 1'
#
_entity_poly.entity_id   1
_entity_poly.type   'polyribonucleotide'
_entity_poly.pdbx_seq_one_letter_code
;GGCCUCCAGCGACGGCCUUCGGGACUAGCAAACGGAGGCC
;
_entity_poly.pdbx_strand_id   A
#
loop_
_chem_comp.id
_chem_comp.type
_chem_comp.name
_chem_comp.formula
A RNA linking ADENOSINE-5'-MONOPHOSPHATE 'C10 H14 N5 O7 P'
C RNA linking CYTIDINE-5'-MONOPHOSPHATE 'C9 H14 N3 O8 P'
G RNA linking GUANOSINE-5'-MONOPHOSPHATE 'C10 H14 N5 O8 P'
U RNA linking URIDINE-5'-MONOPHOSPHATE 'C9 H13 N2 O9 P'
#